data_8DVH
#
_entry.id   8DVH
#
_cell.length_a   89.892
_cell.length_b   89.892
_cell.length_c   83.950
_cell.angle_alpha   90.000
_cell.angle_beta   90.000
_cell.angle_gamma   120.000
#
_symmetry.space_group_name_H-M   'P 63'
#
loop_
_entity.id
_entity.type
_entity.pdbx_description
1 polymer 'Lon protease 2'
2 non-polymer N-[(1R)-1-(DIHYDROXYBORYL)-3-METHYLBUTYL]-N-(PYRAZIN-2-YLCARBONYL)-L-PHENYLALANINAMIDE
3 non-polymer 'SODIUM ION'
4 water water
#
_entity_poly.entity_id   1
_entity_poly.type   'polypeptide(L)'
_entity_poly.pdbx_seq_one_letter_code
;GVEPQVGIVNGLAVYGPNSGSLLEIEVSVTAAQDKGSINITGIAEEESIGSQSKSIRRKSMAKGSVENVLTVLRTMGMKP
SDYDIHINFPGGIPIDGPSAGIAMAAGIFSAIHKIPIDNTVAMTGEISLNGLVKPIGGVIPKIKAAKQSGAKKVIIPYEN
QQAILKQIDGIEIIAVKTFQEVLDEILVNPPTEQKPFHIEINKESV
;
_entity_poly.pdbx_strand_id   A,B
#
loop_
_chem_comp.id
_chem_comp.type
_chem_comp.name
_chem_comp.formula
BO2 non-polymer N-[(1R)-1-(DIHYDROXYBORYL)-3-METHYLBUTYL]-N-(PYRAZIN-2-YLCARBONYL)-L-PHENYLALANINAMIDE 'C19 H25 B N4 O4'
NA non-polymer 'SODIUM ION' 'Na 1'
#
# COMPACT_ATOMS: atom_id res chain seq x y z
N VAL A 6 5.83 -9.22 6.08
CA VAL A 6 5.37 -8.38 4.92
C VAL A 6 6.54 -8.18 3.95
N GLY A 7 6.44 -8.77 2.76
CA GLY A 7 7.54 -8.78 1.77
C GLY A 7 7.35 -7.67 0.75
N ILE A 8 8.45 -7.27 0.12
CA ILE A 8 8.50 -6.20 -0.90
C ILE A 8 8.93 -6.86 -2.21
N VAL A 9 8.26 -6.51 -3.29
CA VAL A 9 8.75 -6.78 -4.65
C VAL A 9 8.83 -5.45 -5.41
N ASN A 10 9.91 -5.29 -6.15
CA ASN A 10 10.16 -4.07 -6.98
C ASN A 10 9.50 -4.25 -8.35
N GLY A 11 8.34 -3.61 -8.52
CA GLY A 11 7.62 -3.52 -9.78
C GLY A 11 7.99 -2.22 -10.45
N LEU A 12 7.50 -2.02 -11.65
CA LEU A 12 7.87 -0.90 -12.54
C LEU A 12 6.61 -0.40 -13.22
N ALA A 13 6.55 0.90 -13.47
CA ALA A 13 5.40 1.54 -14.14
C ALA A 13 5.92 2.59 -15.08
N VAL A 14 5.08 2.94 -16.05
CA VAL A 14 5.37 4.00 -17.06
C VAL A 14 4.19 4.96 -16.99
N TYR A 15 4.48 6.25 -17.03
CA TYR A 15 3.46 7.32 -17.04
C TYR A 15 3.88 8.25 -18.16
N GLY A 16 3.07 8.36 -19.20
CA GLY A 16 3.45 9.06 -20.46
C GLY A 16 4.60 8.36 -21.17
N PRO A 17 4.98 8.84 -22.37
CA PRO A 17 5.78 8.06 -23.30
C PRO A 17 7.10 7.50 -22.75
N ASN A 18 7.80 8.26 -21.89
CA ASN A 18 9.23 7.99 -21.57
C ASN A 18 9.55 8.15 -20.08
N SER A 19 8.56 8.25 -19.20
CA SER A 19 8.83 8.36 -17.74
C SER A 19 8.52 7.01 -17.08
N GLY A 20 9.47 6.47 -16.34
CA GLY A 20 9.29 5.20 -15.61
C GLY A 20 9.36 5.46 -14.11
N SER A 21 8.88 4.52 -13.32
CA SER A 21 9.13 4.56 -11.86
C SER A 21 9.19 3.12 -11.34
N LEU A 22 9.93 2.94 -10.27
CA LEU A 22 9.99 1.65 -9.55
C LEU A 22 9.00 1.76 -8.40
N LEU A 23 8.16 0.75 -8.21
CA LEU A 23 7.14 0.71 -7.15
C LEU A 23 7.53 -0.41 -6.21
N GLU A 24 7.62 -0.10 -4.91
CA GLU A 24 7.88 -1.11 -3.87
C GLU A 24 6.54 -1.69 -3.47
N ILE A 25 6.12 -2.76 -4.14
CA ILE A 25 4.80 -3.40 -3.92
C ILE A 25 4.90 -4.22 -2.63
N GLU A 26 3.95 -4.04 -1.73
CA GLU A 26 3.94 -4.71 -0.41
C GLU A 26 2.98 -5.90 -0.48
N VAL A 27 3.39 -7.04 0.06
CA VAL A 27 2.57 -8.26 -0.01
C VAL A 27 2.54 -8.85 1.39
N SER A 28 1.34 -8.88 1.97
CA SER A 28 1.06 -9.52 3.28
C SER A 28 0.28 -10.80 3.01
N VAL A 29 0.74 -11.92 3.55
CA VAL A 29 0.02 -13.20 3.44
C VAL A 29 -0.02 -13.77 4.87
N THR A 30 -1.20 -14.00 5.40
CA THR A 30 -1.43 -14.57 6.77
C THR A 30 -2.38 -15.75 6.64
N ALA A 31 -2.29 -16.72 7.56
CA ALA A 31 -3.24 -17.85 7.66
C ALA A 31 -4.67 -17.31 7.64
N ALA A 32 -5.56 -17.87 6.83
CA ALA A 32 -6.92 -17.34 6.61
C ALA A 32 -7.65 -17.22 7.95
N GLN A 33 -8.29 -16.07 8.19
CA GLN A 33 -9.08 -15.78 9.42
C GLN A 33 -10.41 -16.54 9.33
N ASP A 34 -10.93 -16.71 8.10
CA ASP A 34 -12.22 -17.37 7.82
C ASP A 34 -12.04 -18.25 6.57
N LYS A 35 -12.70 -17.92 5.47
CA LYS A 35 -12.66 -18.65 4.17
C LYS A 35 -11.47 -18.18 3.31
N GLY A 36 -10.57 -17.36 3.86
CA GLY A 36 -9.45 -16.77 3.09
C GLY A 36 -9.93 -15.68 2.15
N SER A 37 -9.02 -14.89 1.59
CA SER A 37 -9.41 -13.64 0.90
C SER A 37 -8.24 -13.06 0.11
N ILE A 38 -8.57 -12.26 -0.90
CA ILE A 38 -7.59 -11.47 -1.68
C ILE A 38 -8.04 -10.02 -1.61
N ASN A 39 -7.16 -9.12 -1.18
CA ASN A 39 -7.47 -7.67 -1.17
C ASN A 39 -6.31 -6.90 -1.83
N ILE A 40 -6.63 -5.94 -2.67
CA ILE A 40 -5.60 -5.09 -3.33
C ILE A 40 -5.94 -3.64 -3.02
N THR A 41 -4.92 -2.87 -2.66
CA THR A 41 -5.08 -1.42 -2.42
C THR A 41 -4.17 -0.68 -3.39
N GLY A 42 -4.64 0.44 -3.90
CA GLY A 42 -3.77 1.31 -4.70
C GLY A 42 -4.05 1.15 -6.19
N ILE A 43 -5.01 0.30 -6.60
CA ILE A 43 -5.24 0.01 -8.05
C ILE A 43 -6.63 0.51 -8.50
N ALA A 44 -6.74 0.85 -9.77
CA ALA A 44 -8.01 0.87 -10.51
C ALA A 44 -8.72 -0.47 -10.33
N GLU A 45 -10.03 -0.44 -10.14
CA GLU A 45 -10.81 -1.69 -10.00
C GLU A 45 -11.69 -1.93 -11.23
N GLU A 46 -12.10 -0.88 -11.93
CA GLU A 46 -13.02 -1.03 -13.07
C GLU A 46 -12.68 0.08 -14.06
N GLU A 47 -12.89 -0.18 -15.34
CA GLU A 47 -12.62 0.82 -16.41
C GLU A 47 -13.88 0.88 -17.28
N SER A 48 -14.30 2.08 -17.64
CA SER A 48 -15.37 2.33 -18.62
C SER A 48 -14.73 2.98 -19.83
N ILE A 49 -15.06 2.46 -21.00
CA ILE A 49 -14.53 2.99 -22.29
C ILE A 49 -15.69 3.26 -23.24
N GLY A 50 -15.72 4.43 -23.87
CA GLY A 50 -16.63 4.66 -24.99
C GLY A 50 -17.27 6.02 -24.86
N SER A 51 -18.55 6.12 -25.19
CA SER A 51 -19.33 7.37 -25.16
C SER A 51 -20.74 7.05 -24.67
N GLN A 52 -21.58 8.08 -24.63
CA GLN A 52 -23.05 8.00 -24.45
C GLN A 52 -23.59 6.88 -25.36
N SER A 53 -23.23 6.89 -26.65
CA SER A 53 -23.92 6.04 -27.66
C SER A 53 -23.62 4.57 -27.41
N LYS A 54 -22.36 4.21 -27.13
CA LYS A 54 -21.99 2.85 -26.70
C LYS A 54 -20.75 2.90 -25.80
N SER A 55 -20.80 2.25 -24.64
CA SER A 55 -19.62 2.14 -23.77
C SER A 55 -19.66 0.74 -23.18
N ILE A 56 -18.50 0.29 -22.73
CA ILE A 56 -18.36 -0.98 -22.01
C ILE A 56 -17.75 -0.67 -20.66
N ARG A 57 -17.92 -1.60 -19.76
CA ARG A 57 -17.32 -1.54 -18.45
C ARG A 57 -16.65 -2.90 -18.24
N ARG A 58 -15.48 -2.89 -17.62
CA ARG A 58 -14.82 -4.16 -17.31
C ARG A 58 -14.01 -4.05 -16.03
N LYS A 59 -13.70 -5.20 -15.48
CA LYS A 59 -12.68 -5.26 -14.43
C LYS A 59 -11.43 -4.58 -14.97
N SER A 60 -10.70 -3.86 -14.13
CA SER A 60 -9.44 -3.22 -14.58
C SER A 60 -8.46 -4.34 -15.01
N MET A 61 -7.53 -3.98 -15.86
CA MET A 61 -6.36 -4.85 -16.20
C MET A 61 -5.62 -5.26 -14.94
N ALA A 62 -5.43 -4.36 -13.97
CA ALA A 62 -4.78 -4.73 -12.69
C ALA A 62 -5.55 -5.85 -11.98
N LYS A 63 -6.85 -5.68 -11.80
CA LYS A 63 -7.69 -6.72 -11.14
C LYS A 63 -7.66 -8.05 -11.93
N GLY A 64 -7.79 -8.02 -13.25
CA GLY A 64 -7.65 -9.22 -14.11
C GLY A 64 -6.30 -9.88 -13.89
N SER A 65 -5.25 -9.09 -13.79
CA SER A 65 -3.86 -9.59 -13.55
C SER A 65 -3.80 -10.38 -12.23
N VAL A 66 -4.38 -9.84 -11.17
CA VAL A 66 -4.49 -10.55 -9.85
C VAL A 66 -5.22 -11.89 -10.03
N GLU A 67 -6.34 -11.93 -10.74
CA GLU A 67 -7.08 -13.20 -10.98
C GLU A 67 -6.19 -14.22 -11.71
N ASN A 68 -5.46 -13.81 -12.73
CA ASN A 68 -4.52 -14.71 -13.44
C ASN A 68 -3.42 -15.21 -12.50
N VAL A 69 -2.87 -14.32 -11.67
CA VAL A 69 -1.86 -14.71 -10.66
C VAL A 69 -2.44 -15.84 -9.82
N LEU A 70 -3.62 -15.66 -9.23
CA LEU A 70 -4.18 -16.70 -8.33
C LEU A 70 -4.38 -18.03 -9.07
N THR A 71 -4.76 -17.97 -10.35
CA THR A 71 -4.99 -19.21 -11.14
C THR A 71 -3.64 -19.93 -11.29
N VAL A 72 -2.58 -19.21 -11.63
CA VAL A 72 -1.21 -19.78 -11.79
C VAL A 72 -0.81 -20.46 -10.49
N LEU A 73 -0.97 -19.78 -9.33
CA LEU A 73 -0.51 -20.36 -8.05
C LEU A 73 -1.30 -21.65 -7.80
N ARG A 74 -2.59 -21.67 -8.17
CA ARG A 74 -3.47 -22.86 -8.11
C ARG A 74 -2.90 -23.96 -9.01
N THR A 75 -2.61 -23.69 -10.29
CA THR A 75 -2.01 -24.69 -11.20
C THR A 75 -0.64 -25.17 -10.66
N MET A 76 0.01 -24.43 -9.75
CA MET A 76 1.33 -24.82 -9.18
C MET A 76 1.17 -25.55 -7.83
N GLY A 77 -0.08 -25.85 -7.46
CA GLY A 77 -0.35 -26.73 -6.30
C GLY A 77 -0.41 -25.94 -5.02
N MET A 78 -0.40 -24.61 -5.08
CA MET A 78 -0.70 -23.76 -3.90
C MET A 78 -2.21 -23.56 -3.83
N LYS A 79 -2.72 -23.21 -2.66
CA LYS A 79 -4.16 -23.00 -2.38
C LYS A 79 -4.29 -21.60 -1.81
N PRO A 80 -4.34 -20.56 -2.66
CA PRO A 80 -4.42 -19.18 -2.17
C PRO A 80 -5.58 -18.95 -1.20
N SER A 81 -6.66 -19.75 -1.28
CA SER A 81 -7.85 -19.66 -0.38
C SER A 81 -7.54 -20.15 1.04
N ASP A 82 -6.32 -20.65 1.30
CA ASP A 82 -5.83 -20.94 2.68
C ASP A 82 -5.38 -19.66 3.38
N TYR A 83 -5.36 -18.51 2.68
CA TYR A 83 -4.70 -17.28 3.16
C TYR A 83 -5.61 -16.05 3.00
N ASP A 84 -5.40 -15.07 3.87
CA ASP A 84 -5.79 -13.65 3.63
C ASP A 84 -4.56 -12.95 3.04
N ILE A 85 -4.69 -12.49 1.81
CA ILE A 85 -3.58 -11.92 1.00
C ILE A 85 -3.97 -10.47 0.76
N HIS A 86 -3.07 -9.57 1.11
CA HIS A 86 -3.27 -8.12 0.88
C HIS A 86 -2.03 -7.62 0.17
N ILE A 87 -2.25 -7.04 -0.99
CA ILE A 87 -1.18 -6.39 -1.79
C ILE A 87 -1.49 -4.91 -1.79
N ASN A 88 -0.51 -4.08 -1.49
CA ASN A 88 -0.61 -2.63 -1.42
C ASN A 88 0.38 -2.03 -2.41
N PHE A 89 -0.13 -1.22 -3.32
CA PHE A 89 0.61 -0.40 -4.30
C PHE A 89 0.67 0.98 -3.69
N PRO A 90 1.84 1.46 -3.20
CA PRO A 90 1.88 2.59 -2.27
C PRO A 90 1.55 3.94 -2.91
N GLY A 91 1.21 4.95 -2.06
CA GLY A 91 0.92 6.33 -2.46
C GLY A 91 -0.54 6.54 -2.84
N GLY A 92 -0.81 7.37 -3.85
CA GLY A 92 -2.14 7.98 -4.03
C GLY A 92 -2.49 8.22 -5.49
N ILE A 93 -1.90 7.44 -6.37
CA ILE A 93 -2.23 7.46 -7.81
C ILE A 93 -2.90 6.13 -8.12
N PRO A 94 -3.99 6.09 -8.92
CA PRO A 94 -4.62 4.84 -9.24
C PRO A 94 -3.66 4.19 -10.26
N ILE A 95 -3.22 3.00 -9.98
CA ILE A 95 -2.33 2.34 -10.97
C ILE A 95 -3.19 1.28 -11.65
N ASP A 96 -2.89 1.02 -12.91
CA ASP A 96 -3.63 0.02 -13.72
C ASP A 96 -2.65 -0.68 -14.64
N GLY A 97 -3.06 -1.79 -15.23
CA GLY A 97 -2.22 -2.51 -16.19
C GLY A 97 -2.03 -3.95 -15.80
N PRO A 98 -1.70 -4.80 -16.81
CA PRO A 98 -1.40 -6.20 -16.59
C PRO A 98 0.06 -6.50 -16.26
N SER A 99 0.93 -5.50 -16.26
CA SER A 99 2.39 -5.75 -16.29
C SER A 99 2.98 -6.12 -14.90
N ALA A 100 2.22 -6.02 -13.80
CA ALA A 100 2.74 -6.43 -12.47
C ALA A 100 2.38 -7.88 -12.19
N GLY A 101 1.86 -8.63 -13.19
CA GLY A 101 1.52 -10.05 -12.92
C GLY A 101 2.66 -10.83 -12.28
N ILE A 102 3.87 -10.82 -12.83
CA ILE A 102 4.98 -11.66 -12.32
C ILE A 102 5.45 -11.13 -10.94
N ALA A 103 5.48 -9.82 -10.71
CA ALA A 103 5.75 -9.22 -9.39
C ALA A 103 4.76 -9.72 -8.33
N MET A 104 3.46 -9.67 -8.61
CA MET A 104 2.47 -10.06 -7.57
C MET A 104 2.61 -11.57 -7.32
N ALA A 105 2.81 -12.36 -8.37
CA ALA A 105 2.92 -13.84 -8.22
C ALA A 105 4.17 -14.19 -7.41
N ALA A 106 5.30 -13.57 -7.73
CA ALA A 106 6.56 -13.75 -6.98
C ALA A 106 6.38 -13.37 -5.50
N GLY A 107 5.76 -12.21 -5.25
CA GLY A 107 5.54 -11.71 -3.87
C GLY A 107 4.68 -12.68 -3.09
N ILE A 108 3.60 -13.20 -3.67
CA ILE A 108 2.75 -14.20 -2.94
C ILE A 108 3.56 -15.49 -2.74
N PHE A 109 4.21 -16.01 -3.78
CA PHE A 109 5.04 -17.25 -3.69
C PHE A 109 6.00 -17.13 -2.50
N SER A 110 6.76 -16.04 -2.50
CA SER A 110 7.81 -15.73 -1.51
C SER A 110 7.20 -15.72 -0.12
N ALA A 111 6.03 -15.11 0.04
CA ALA A 111 5.34 -14.96 1.33
C ALA A 111 4.85 -16.33 1.82
N ILE A 112 4.28 -17.14 0.93
CA ILE A 112 3.75 -18.49 1.29
C ILE A 112 4.91 -19.39 1.73
N HIS A 113 5.99 -19.44 0.97
CA HIS A 113 7.16 -20.34 1.21
C HIS A 113 8.21 -19.66 2.11
N LYS A 114 8.01 -18.38 2.47
CA LYS A 114 8.99 -17.55 3.21
C LYS A 114 10.24 -17.23 2.37
N ILE A 115 10.62 -18.09 1.42
CA ILE A 115 11.84 -17.94 0.57
C ILE A 115 11.91 -16.51 0.07
N PRO A 116 12.76 -15.63 0.64
CA PRO A 116 12.64 -14.18 0.38
C PRO A 116 13.22 -13.74 -0.97
N ILE A 117 12.94 -12.48 -1.33
CA ILE A 117 13.16 -11.92 -2.70
C ILE A 117 14.37 -11.00 -2.65
N ASP A 118 15.32 -11.25 -3.55
CA ASP A 118 16.47 -10.38 -3.87
C ASP A 118 15.94 -8.96 -4.05
N ASN A 119 16.32 -8.06 -3.14
CA ASN A 119 15.86 -6.66 -3.08
C ASN A 119 16.58 -5.83 -4.16
N THR A 120 17.58 -6.38 -4.86
CA THR A 120 18.35 -5.64 -5.90
C THR A 120 17.69 -5.85 -7.26
N VAL A 121 16.60 -6.64 -7.32
CA VAL A 121 15.93 -7.04 -8.58
C VAL A 121 14.61 -6.26 -8.71
N ALA A 122 14.35 -5.74 -9.89
CA ALA A 122 13.02 -5.20 -10.26
C ALA A 122 12.48 -6.03 -11.42
N MET A 123 11.19 -5.94 -11.71
CA MET A 123 10.62 -6.82 -12.74
C MET A 123 9.33 -6.23 -13.30
N THR A 124 9.00 -6.69 -14.49
CA THR A 124 7.80 -6.31 -15.25
C THR A 124 7.45 -7.45 -16.18
N GLY A 125 6.17 -7.78 -16.27
CA GLY A 125 5.71 -8.85 -17.17
C GLY A 125 4.29 -9.26 -16.89
N GLU A 126 3.48 -9.39 -17.94
CA GLU A 126 2.11 -9.94 -17.80
C GLU A 126 2.23 -11.46 -17.55
N ILE A 127 1.38 -12.07 -16.74
CA ILE A 127 1.44 -13.55 -16.49
C ILE A 127 0.20 -14.19 -17.17
N SER A 128 0.43 -15.28 -17.88
CA SER A 128 -0.70 -15.99 -18.51
C SER A 128 -1.15 -17.13 -17.58
N LEU A 129 -2.26 -17.78 -17.89
CA LEU A 129 -2.77 -18.86 -17.02
C LEU A 129 -1.78 -20.05 -16.97
N ASN A 130 -1.06 -20.29 -18.06
CA ASN A 130 -0.08 -21.42 -18.11
C ASN A 130 1.24 -21.00 -17.46
N GLY A 131 1.30 -19.76 -16.96
CA GLY A 131 2.47 -19.24 -16.26
C GLY A 131 3.53 -18.75 -17.22
N LEU A 132 3.19 -18.50 -18.49
CA LEU A 132 4.13 -17.81 -19.42
C LEU A 132 4.17 -16.32 -19.06
N VAL A 133 5.28 -15.66 -19.38
CA VAL A 133 5.49 -14.21 -19.16
C VAL A 133 5.31 -13.52 -20.51
N LYS A 134 4.31 -12.65 -20.59
CA LYS A 134 3.82 -12.03 -21.84
C LYS A 134 4.39 -10.62 -21.96
N PRO A 135 4.60 -10.11 -23.20
CA PRO A 135 5.22 -8.81 -23.39
C PRO A 135 4.42 -7.67 -22.76
N ILE A 136 5.15 -6.61 -22.37
CA ILE A 136 4.57 -5.41 -21.71
C ILE A 136 4.97 -4.17 -22.51
N GLY A 137 4.46 -3.00 -22.12
CA GLY A 137 4.82 -1.72 -22.76
C GLY A 137 5.82 -0.95 -21.92
N GLY A 138 6.47 0.04 -22.51
CA GLY A 138 7.40 0.96 -21.84
C GLY A 138 8.60 0.26 -21.23
N VAL A 139 9.13 -0.77 -21.89
CA VAL A 139 10.23 -1.60 -21.32
C VAL A 139 11.48 -0.72 -21.13
N ILE A 140 11.75 0.21 -22.04
CA ILE A 140 12.98 1.05 -21.93
C ILE A 140 12.87 2.02 -20.75
N PRO A 141 11.86 2.92 -20.64
CA PRO A 141 11.74 3.74 -19.45
C PRO A 141 11.67 2.91 -18.16
N LYS A 142 11.06 1.72 -18.19
CA LYS A 142 11.01 0.84 -16.98
C LYS A 142 12.43 0.44 -16.56
N ILE A 143 13.24 0.00 -17.50
CA ILE A 143 14.64 -0.40 -17.21
C ILE A 143 15.40 0.81 -16.63
N LYS A 144 15.29 1.97 -17.27
CA LYS A 144 16.00 3.21 -16.85
C LYS A 144 15.60 3.58 -15.42
N ALA A 145 14.30 3.50 -15.09
CA ALA A 145 13.77 3.78 -13.73
C ALA A 145 14.33 2.73 -12.76
N ALA A 146 14.46 1.49 -13.17
CA ALA A 146 15.04 0.44 -12.28
C ALA A 146 16.49 0.83 -11.95
N LYS A 147 17.24 1.23 -12.97
CA LYS A 147 18.66 1.64 -12.82
C LYS A 147 18.74 2.84 -11.85
N GLN A 148 17.99 3.91 -12.13
CA GLN A 148 18.00 5.15 -11.33
C GLN A 148 17.66 4.84 -9.86
N SER A 149 16.80 3.87 -9.59
CA SER A 149 16.40 3.49 -8.20
C SER A 149 17.49 2.66 -7.51
N GLY A 150 18.50 2.19 -8.26
CA GLY A 150 19.64 1.46 -7.71
C GLY A 150 19.46 -0.05 -7.83
N ALA A 151 18.49 -0.53 -8.59
CA ALA A 151 18.37 -1.95 -8.95
C ALA A 151 19.61 -2.35 -9.76
N LYS A 152 20.14 -3.54 -9.49
CA LYS A 152 21.31 -4.13 -10.19
C LYS A 152 20.82 -5.07 -11.29
N LYS A 153 19.57 -5.54 -11.21
CA LYS A 153 19.00 -6.50 -12.19
C LYS A 153 17.55 -6.11 -12.50
N VAL A 154 17.12 -6.32 -13.75
CA VAL A 154 15.70 -6.17 -14.13
C VAL A 154 15.28 -7.36 -14.99
N ILE A 155 14.20 -8.01 -14.58
CA ILE A 155 13.55 -9.11 -15.32
C ILE A 155 12.50 -8.52 -16.26
N ILE A 156 12.59 -8.90 -17.53
CA ILE A 156 11.63 -8.51 -18.60
C ILE A 156 11.17 -9.75 -19.34
N PRO A 157 10.02 -9.68 -20.05
CA PRO A 157 9.59 -10.77 -20.92
C PRO A 157 10.54 -11.02 -22.11
N TYR A 158 10.75 -12.29 -22.44
CA TYR A 158 11.58 -12.68 -23.61
C TYR A 158 11.17 -11.91 -24.86
N GLU A 159 9.87 -11.78 -25.15
CA GLU A 159 9.41 -11.12 -26.41
C GLU A 159 9.61 -9.59 -26.35
N ASN A 160 10.06 -9.01 -25.21
CA ASN A 160 10.44 -7.57 -25.12
C ASN A 160 11.93 -7.39 -25.42
N GLN A 161 12.71 -8.47 -25.52
CA GLN A 161 14.14 -8.39 -25.89
C GLN A 161 14.22 -7.68 -27.24
N GLN A 162 15.11 -6.70 -27.34
CA GLN A 162 15.42 -6.03 -28.63
C GLN A 162 16.87 -5.58 -28.55
N ALA A 163 17.47 -5.36 -29.72
CA ALA A 163 18.90 -5.05 -29.93
C ALA A 163 19.29 -3.88 -29.02
N ILE A 164 18.48 -2.82 -29.01
CA ILE A 164 18.84 -1.52 -28.36
C ILE A 164 18.98 -1.69 -26.84
N LEU A 165 18.27 -2.62 -26.20
CA LEU A 165 18.49 -2.86 -24.75
C LEU A 165 19.98 -3.19 -24.52
N LYS A 166 20.66 -3.81 -25.49
CA LYS A 166 22.09 -4.19 -25.35
C LYS A 166 22.95 -2.93 -25.20
N GLN A 167 22.39 -1.74 -25.48
CA GLN A 167 23.14 -0.45 -25.41
C GLN A 167 23.03 0.12 -24.00
N ILE A 168 22.11 -0.39 -23.16
CA ILE A 168 21.88 0.07 -21.77
C ILE A 168 23.00 -0.47 -20.88
N ASP A 169 23.71 0.40 -20.16
CA ASP A 169 24.80 0.03 -19.22
C ASP A 169 24.29 0.08 -17.79
N GLY A 170 25.00 -0.61 -16.90
CA GLY A 170 24.89 -0.38 -15.45
C GLY A 170 23.69 -1.10 -14.85
N ILE A 171 23.07 -2.00 -15.61
CA ILE A 171 22.05 -2.95 -15.06
C ILE A 171 22.02 -4.24 -15.89
N GLU A 172 21.92 -5.36 -15.21
CA GLU A 172 21.76 -6.69 -15.85
C GLU A 172 20.28 -6.82 -16.26
N ILE A 173 20.00 -7.00 -17.57
CA ILE A 173 18.64 -7.21 -18.13
C ILE A 173 18.47 -8.70 -18.36
N ILE A 174 17.57 -9.35 -17.61
CA ILE A 174 17.28 -10.82 -17.72
C ILE A 174 15.92 -11.03 -18.41
N ALA A 175 15.90 -11.68 -19.57
CA ALA A 175 14.69 -11.99 -20.35
C ALA A 175 14.21 -13.37 -19.90
N VAL A 176 12.92 -13.49 -19.59
CA VAL A 176 12.33 -14.75 -19.07
C VAL A 176 11.14 -15.10 -19.96
N LYS A 177 10.83 -16.39 -20.02
CA LYS A 177 9.69 -16.95 -20.79
C LYS A 177 8.64 -17.44 -19.79
N THR A 178 9.04 -17.88 -18.61
CA THR A 178 8.10 -18.50 -17.63
C THR A 178 8.27 -17.91 -16.23
N PHE A 179 7.21 -18.05 -15.45
CA PHE A 179 7.18 -17.63 -14.04
C PHE A 179 8.19 -18.45 -13.20
N GLN A 180 8.36 -19.74 -13.50
CA GLN A 180 9.36 -20.58 -12.81
C GLN A 180 10.74 -19.94 -13.00
N GLU A 181 11.06 -19.44 -14.20
CA GLU A 181 12.33 -18.75 -14.50
C GLU A 181 12.45 -17.50 -13.64
N VAL A 182 11.36 -16.71 -13.52
CA VAL A 182 11.35 -15.49 -12.66
C VAL A 182 11.80 -15.91 -11.26
N LEU A 183 11.18 -16.96 -10.71
CA LEU A 183 11.47 -17.48 -9.35
C LEU A 183 12.92 -18.01 -9.30
N ASP A 184 13.38 -18.72 -10.31
CA ASP A 184 14.81 -19.19 -10.33
C ASP A 184 15.70 -17.95 -10.11
N GLU A 185 15.37 -16.80 -10.71
CA GLU A 185 16.28 -15.63 -10.82
C GLU A 185 16.24 -14.71 -9.60
N ILE A 186 15.16 -14.66 -8.85
CA ILE A 186 14.93 -13.60 -7.82
C ILE A 186 14.94 -14.19 -6.41
N LEU A 187 14.59 -15.48 -6.27
CA LEU A 187 14.54 -16.16 -4.97
C LEU A 187 15.98 -16.40 -4.53
N VAL A 188 16.26 -16.03 -3.28
CA VAL A 188 17.56 -16.21 -2.59
C VAL A 188 17.45 -17.47 -1.72
N ASN A 189 18.54 -18.23 -1.60
CA ASN A 189 18.65 -19.31 -0.60
C ASN A 189 18.21 -18.71 0.73
N PRO A 190 17.16 -19.27 1.37
CA PRO A 190 16.75 -18.82 2.71
C PRO A 190 17.88 -19.01 3.74
N PRO A 191 17.83 -18.32 4.91
CA PRO A 191 18.83 -18.51 5.96
C PRO A 191 18.85 -19.99 6.41
N THR A 192 19.98 -20.47 6.92
CA THR A 192 20.18 -21.90 7.22
C THR A 192 20.19 -22.17 8.74
N GLU A 193 20.30 -21.12 9.59
CA GLU A 193 20.43 -21.28 11.06
C GLU A 193 19.19 -21.98 11.64
N GLN A 194 19.40 -22.94 12.55
CA GLN A 194 18.35 -23.59 13.38
C GLN A 194 17.23 -24.14 12.46
N LYS A 195 17.66 -24.88 11.43
CA LYS A 195 16.79 -25.56 10.43
C LYS A 195 17.21 -27.02 10.41
N PRO A 196 16.26 -27.97 10.35
CA PRO A 196 16.61 -29.40 10.21
C PRO A 196 17.20 -29.81 8.83
N PHE A 197 17.07 -28.96 7.79
CA PHE A 197 17.65 -29.17 6.43
C PHE A 197 17.70 -27.83 5.69
N HIS A 198 18.42 -27.75 4.56
CA HIS A 198 18.54 -26.50 3.75
C HIS A 198 17.74 -26.63 2.44
N ILE A 199 17.17 -25.51 1.98
CA ILE A 199 16.52 -25.34 0.64
C ILE A 199 17.47 -24.47 -0.21
N GLU A 200 17.99 -25.03 -1.30
CA GLU A 200 18.85 -24.32 -2.31
C GLU A 200 18.04 -24.17 -3.60
N ILE A 201 18.20 -23.03 -4.31
CA ILE A 201 17.36 -22.62 -5.48
C ILE A 201 17.81 -23.34 -6.76
N VAL B 2 -10.04 18.77 26.87
CA VAL B 2 -10.37 18.66 28.33
C VAL B 2 -9.48 17.58 28.97
N GLU B 3 -9.06 16.56 28.20
CA GLU B 3 -8.47 15.30 28.72
C GLU B 3 -7.99 14.41 27.57
N PRO B 4 -6.89 13.63 27.74
CA PRO B 4 -6.66 12.45 26.88
C PRO B 4 -7.88 11.53 26.92
N GLN B 5 -8.22 10.87 25.81
CA GLN B 5 -9.48 10.06 25.74
C GLN B 5 -9.31 8.84 24.84
N VAL B 6 -10.11 7.79 25.13
CA VAL B 6 -10.08 6.49 24.42
C VAL B 6 -10.74 6.67 23.04
N GLY B 7 -10.03 6.31 21.98
CA GLY B 7 -10.53 6.29 20.59
C GLY B 7 -10.88 7.68 20.04
N ILE B 8 -10.34 8.77 20.61
CA ILE B 8 -10.44 10.10 19.94
C ILE B 8 -9.02 10.49 19.53
N VAL B 9 -8.78 10.76 18.25
CA VAL B 9 -7.43 11.13 17.75
C VAL B 9 -7.59 12.34 16.82
N ASN B 10 -6.63 13.26 16.88
CA ASN B 10 -6.62 14.50 16.07
C ASN B 10 -5.86 14.26 14.76
N GLY B 11 -6.61 14.15 13.66
CA GLY B 11 -6.02 14.07 12.32
C GLY B 11 -5.96 15.44 11.73
N LEU B 12 -5.44 15.53 10.50
CA LEU B 12 -5.16 16.79 9.79
C LEU B 12 -5.55 16.59 8.33
N ALA B 13 -6.04 17.67 7.71
CA ALA B 13 -6.42 17.69 6.28
C ALA B 13 -5.91 18.96 5.65
N VAL B 14 -5.83 18.94 4.32
CA VAL B 14 -5.48 20.13 3.48
C VAL B 14 -6.52 20.19 2.36
N TYR B 15 -7.00 21.39 2.00
CA TYR B 15 -7.84 21.61 0.79
C TYR B 15 -7.12 22.63 -0.08
N GLY B 16 -6.42 22.16 -1.12
CA GLY B 16 -5.60 23.01 -1.99
C GLY B 16 -4.35 23.51 -1.29
N PRO B 17 -3.45 24.21 -2.02
CA PRO B 17 -2.07 24.44 -1.61
C PRO B 17 -1.78 24.84 -0.15
N ASN B 18 -2.54 25.76 0.43
CA ASN B 18 -2.10 26.49 1.66
C ASN B 18 -3.19 26.53 2.73
N SER B 19 -4.14 25.58 2.71
CA SER B 19 -5.35 25.61 3.56
C SER B 19 -5.51 24.28 4.32
N GLY B 20 -5.06 24.25 5.58
CA GLY B 20 -5.06 23.03 6.42
C GLY B 20 -6.14 23.11 7.48
N SER B 21 -6.47 21.98 8.12
CA SER B 21 -7.44 21.94 9.24
C SER B 21 -7.23 20.68 10.08
N LEU B 22 -7.74 20.69 11.31
CA LEU B 22 -7.63 19.56 12.26
C LEU B 22 -9.02 18.93 12.37
N LEU B 23 -9.09 17.60 12.31
CA LEU B 23 -10.34 16.80 12.40
C LEU B 23 -10.23 15.91 13.62
N GLU B 24 -11.31 15.77 14.37
CA GLU B 24 -11.29 14.95 15.62
C GLU B 24 -11.94 13.61 15.32
N ILE B 25 -11.13 12.64 14.89
CA ILE B 25 -11.57 11.30 14.41
C ILE B 25 -11.95 10.47 15.63
N GLU B 26 -13.08 9.79 15.53
CA GLU B 26 -13.69 9.05 16.66
C GLU B 26 -13.73 7.58 16.31
N VAL B 27 -13.32 6.72 17.23
CA VAL B 27 -13.24 5.27 16.94
C VAL B 27 -13.98 4.53 18.06
N SER B 28 -14.88 3.65 17.66
CA SER B 28 -15.66 2.79 18.57
C SER B 28 -15.36 1.34 18.23
N VAL B 29 -15.09 0.53 19.25
CA VAL B 29 -14.79 -0.90 19.08
C VAL B 29 -15.67 -1.64 20.09
N THR B 30 -16.44 -2.62 19.62
CA THR B 30 -17.32 -3.44 20.50
C THR B 30 -17.09 -4.91 20.11
N ALA B 31 -17.18 -5.81 21.07
CA ALA B 31 -17.09 -7.26 20.83
C ALA B 31 -17.97 -7.59 19.63
N ALA B 32 -17.50 -8.39 18.68
CA ALA B 32 -18.20 -8.54 17.39
C ALA B 32 -19.53 -9.26 17.65
N GLN B 33 -20.58 -8.88 16.93
CA GLN B 33 -21.86 -9.63 16.89
C GLN B 33 -21.59 -11.00 16.27
N ASP B 34 -20.70 -11.06 15.27
CA ASP B 34 -20.51 -12.28 14.43
C ASP B 34 -19.04 -12.42 13.99
N LYS B 35 -18.76 -12.20 12.69
CA LYS B 35 -17.46 -12.38 12.01
C LYS B 35 -16.55 -11.16 12.23
N GLY B 36 -17.06 -10.10 12.88
CA GLY B 36 -16.34 -8.83 13.00
C GLY B 36 -16.63 -7.94 11.81
N SER B 37 -16.38 -6.65 11.95
CA SER B 37 -16.77 -5.71 10.87
C SER B 37 -15.96 -4.43 10.97
N ILE B 38 -15.95 -3.69 9.88
CA ILE B 38 -15.29 -2.36 9.88
C ILE B 38 -16.28 -1.44 9.19
N ASN B 39 -16.59 -0.30 9.81
CA ASN B 39 -17.44 0.70 9.14
C ASN B 39 -16.81 2.08 9.34
N ILE B 40 -16.91 2.97 8.34
CA ILE B 40 -16.39 4.36 8.41
C ILE B 40 -17.50 5.30 7.95
N THR B 41 -17.76 6.36 8.71
CA THR B 41 -18.76 7.41 8.46
C THR B 41 -17.97 8.64 8.04
N GLY B 42 -18.37 9.34 6.99
CA GLY B 42 -17.76 10.63 6.65
C GLY B 42 -16.60 10.61 5.67
N ILE B 43 -16.38 9.49 4.98
CA ILE B 43 -15.30 9.38 3.96
C ILE B 43 -15.93 9.10 2.60
N ALA B 44 -15.27 9.52 1.56
CA ALA B 44 -15.47 8.96 0.21
C ALA B 44 -15.36 7.44 0.27
N GLU B 45 -16.26 6.75 -0.43
CA GLU B 45 -16.26 5.27 -0.56
C GLU B 45 -15.52 4.89 -1.85
N GLU B 46 -15.67 5.68 -2.91
CA GLU B 46 -15.13 5.36 -4.24
C GLU B 46 -14.65 6.66 -4.89
N GLU B 47 -13.66 6.55 -5.74
CA GLU B 47 -13.19 7.66 -6.60
C GLU B 47 -13.31 7.23 -8.06
N SER B 48 -13.68 8.17 -8.93
CA SER B 48 -13.65 8.00 -10.39
C SER B 48 -12.81 9.10 -10.98
N ILE B 49 -11.91 8.74 -11.89
CA ILE B 49 -11.04 9.65 -12.67
C ILE B 49 -11.31 9.37 -14.14
N GLY B 50 -11.58 10.42 -14.89
CA GLY B 50 -11.91 10.18 -16.29
C GLY B 50 -11.45 11.24 -17.26
N SER B 51 -11.45 10.83 -18.52
CA SER B 51 -11.13 11.60 -19.73
C SER B 51 -12.43 11.82 -20.48
N GLN B 52 -12.32 12.12 -21.77
CA GLN B 52 -13.47 12.17 -22.71
C GLN B 52 -14.07 10.76 -22.81
N SER B 53 -13.26 9.77 -23.16
CA SER B 53 -13.77 8.46 -23.64
C SER B 53 -13.41 7.31 -22.68
N LYS B 54 -12.83 7.60 -21.50
CA LYS B 54 -12.33 6.53 -20.61
C LYS B 54 -12.39 6.99 -19.16
N SER B 55 -12.68 6.07 -18.23
CA SER B 55 -12.65 6.42 -16.81
C SER B 55 -12.41 5.18 -15.99
N ILE B 56 -11.84 5.40 -14.84
CA ILE B 56 -11.62 4.26 -13.92
C ILE B 56 -12.27 4.62 -12.60
N ARG B 57 -12.57 3.56 -11.87
CA ARG B 57 -13.22 3.64 -10.56
C ARG B 57 -12.45 2.75 -9.61
N ARG B 58 -12.23 3.21 -8.39
CA ARG B 58 -11.62 2.38 -7.34
C ARG B 58 -12.21 2.73 -6.01
N LYS B 59 -12.07 1.79 -5.09
CA LYS B 59 -12.38 2.13 -3.70
C LYS B 59 -11.47 3.28 -3.30
N SER B 60 -11.96 4.16 -2.44
CA SER B 60 -11.26 5.43 -2.09
C SER B 60 -9.93 5.08 -1.39
N MET B 61 -8.97 5.96 -1.49
CA MET B 61 -7.71 5.94 -0.72
C MET B 61 -8.01 5.92 0.79
N ALA B 62 -9.07 6.60 1.26
CA ALA B 62 -9.45 6.56 2.68
C ALA B 62 -9.87 5.15 3.05
N LYS B 63 -10.75 4.52 2.26
CA LYS B 63 -11.19 3.13 2.53
C LYS B 63 -10.02 2.15 2.43
N GLY B 64 -9.21 2.24 1.38
CA GLY B 64 -7.95 1.49 1.23
C GLY B 64 -7.04 1.66 2.47
N SER B 65 -6.88 2.91 2.94
CA SER B 65 -6.09 3.23 4.16
C SER B 65 -6.56 2.38 5.36
N VAL B 66 -7.87 2.29 5.57
CA VAL B 66 -8.44 1.50 6.71
C VAL B 66 -8.04 0.04 6.55
N GLU B 67 -8.09 -0.51 5.33
CA GLU B 67 -7.75 -1.95 5.11
C GLU B 67 -6.26 -2.17 5.44
N ASN B 68 -5.36 -1.27 5.03
CA ASN B 68 -3.92 -1.31 5.40
C ASN B 68 -3.78 -1.30 6.93
N VAL B 69 -4.53 -0.43 7.60
CA VAL B 69 -4.52 -0.29 9.07
C VAL B 69 -4.84 -1.66 9.67
N LEU B 70 -5.93 -2.30 9.24
CA LEU B 70 -6.37 -3.60 9.81
C LEU B 70 -5.30 -4.67 9.53
N THR B 71 -4.68 -4.65 8.36
CA THR B 71 -3.58 -5.60 8.07
C THR B 71 -2.41 -5.36 9.05
N VAL B 72 -2.04 -4.11 9.32
CA VAL B 72 -0.94 -3.79 10.27
C VAL B 72 -1.30 -4.31 11.66
N LEU B 73 -2.54 -4.08 12.13
CA LEU B 73 -2.95 -4.52 13.49
C LEU B 73 -2.92 -6.06 13.59
N ARG B 74 -3.20 -6.81 12.52
CA ARG B 74 -3.07 -8.29 12.56
C ARG B 74 -1.58 -8.68 12.70
N THR B 75 -0.66 -8.03 11.99
CA THR B 75 0.80 -8.35 12.04
C THR B 75 1.32 -8.08 13.45
N MET B 76 0.68 -7.15 14.18
CA MET B 76 1.05 -6.81 15.57
C MET B 76 0.37 -7.76 16.57
N GLY B 77 -0.37 -8.77 16.11
CA GLY B 77 -0.95 -9.80 16.99
C GLY B 77 -2.34 -9.43 17.47
N MET B 78 -2.94 -8.37 16.96
CA MET B 78 -4.38 -8.09 17.26
C MET B 78 -5.23 -8.90 16.28
N LYS B 79 -6.52 -9.05 16.57
CA LYS B 79 -7.49 -9.80 15.75
C LYS B 79 -8.69 -8.88 15.60
N PRO B 80 -8.72 -8.05 14.54
CA PRO B 80 -9.78 -7.07 14.36
C PRO B 80 -11.12 -7.77 14.07
N SER B 81 -11.07 -8.98 13.51
CA SER B 81 -12.23 -9.88 13.34
C SER B 81 -12.96 -10.13 14.67
N ASP B 82 -12.31 -9.94 15.81
CA ASP B 82 -12.96 -10.06 17.16
C ASP B 82 -13.87 -8.86 17.44
N TYR B 83 -13.80 -7.78 16.64
CA TYR B 83 -14.47 -6.50 16.95
C TYR B 83 -15.35 -6.05 15.79
N ASP B 84 -16.49 -5.42 16.11
CA ASP B 84 -17.17 -4.47 15.18
C ASP B 84 -16.56 -3.11 15.46
N ILE B 85 -15.93 -2.57 14.45
CA ILE B 85 -15.15 -1.32 14.55
C ILE B 85 -15.88 -0.29 13.69
N HIS B 86 -16.09 0.90 14.24
CA HIS B 86 -16.70 2.03 13.52
C HIS B 86 -15.83 3.26 13.74
N ILE B 87 -15.40 3.84 12.65
CA ILE B 87 -14.60 5.09 12.67
C ILE B 87 -15.52 6.18 12.12
N ASN B 88 -15.57 7.33 12.78
CA ASN B 88 -16.43 8.47 12.40
C ASN B 88 -15.59 9.73 12.22
N PHE B 89 -15.75 10.37 11.08
CA PHE B 89 -15.22 11.71 10.76
C PHE B 89 -16.42 12.66 10.90
N PRO B 90 -16.66 13.26 12.09
CA PRO B 90 -17.90 14.00 12.31
C PRO B 90 -17.96 15.23 11.39
N GLY B 91 -19.18 15.74 11.20
CA GLY B 91 -19.41 17.00 10.49
C GLY B 91 -20.12 16.79 9.18
N GLY B 92 -19.97 15.62 8.57
CA GLY B 92 -20.58 15.31 7.27
C GLY B 92 -19.73 15.76 6.10
N ILE B 93 -18.53 16.29 6.34
CA ILE B 93 -17.61 16.76 5.27
C ILE B 93 -17.07 15.56 4.47
N PRO B 94 -17.08 15.61 3.12
CA PRO B 94 -16.59 14.52 2.29
C PRO B 94 -15.06 14.57 2.20
N ILE B 95 -14.38 13.63 2.84
CA ILE B 95 -12.90 13.64 2.93
C ILE B 95 -12.35 12.38 2.24
N ASP B 96 -11.14 12.48 1.71
CA ASP B 96 -10.46 11.31 1.10
C ASP B 96 -8.98 11.46 1.31
N GLY B 97 -8.25 10.40 1.04
CA GLY B 97 -6.78 10.40 1.03
C GLY B 97 -6.24 9.33 1.94
N PRO B 98 -4.95 8.97 1.81
CA PRO B 98 -4.31 7.94 2.62
C PRO B 98 -3.64 8.47 3.90
N SER B 99 -3.64 9.78 4.13
CA SER B 99 -2.80 10.40 5.19
C SER B 99 -3.40 10.27 6.61
N ALA B 100 -4.62 9.78 6.81
CA ALA B 100 -5.16 9.47 8.17
C ALA B 100 -4.81 8.04 8.60
N GLY B 101 -3.98 7.31 7.86
CA GLY B 101 -3.66 5.92 8.22
C GLY B 101 -3.10 5.80 9.64
N ILE B 102 -2.11 6.59 10.04
CA ILE B 102 -1.52 6.43 11.41
C ILE B 102 -2.55 6.84 12.49
N ALA B 103 -3.36 7.87 12.25
CA ALA B 103 -4.43 8.34 13.18
C ALA B 103 -5.49 7.26 13.39
N MET B 104 -6.02 6.67 12.32
CA MET B 104 -7.01 5.59 12.50
C MET B 104 -6.40 4.39 13.23
N ALA B 105 -5.18 4.01 12.85
CA ALA B 105 -4.49 2.86 13.50
C ALA B 105 -4.36 3.10 15.01
N ALA B 106 -3.90 4.29 15.39
CA ALA B 106 -3.76 4.78 16.78
C ALA B 106 -5.14 4.75 17.45
N GLY B 107 -6.16 5.28 16.77
CA GLY B 107 -7.54 5.26 17.32
C GLY B 107 -8.01 3.85 17.61
N ILE B 108 -7.82 2.93 16.67
CA ILE B 108 -8.30 1.52 16.89
C ILE B 108 -7.49 0.87 18.02
N PHE B 109 -6.17 1.04 18.02
CA PHE B 109 -5.27 0.46 19.05
C PHE B 109 -5.76 0.91 20.45
N SER B 110 -5.94 2.22 20.62
CA SER B 110 -6.46 2.88 21.84
C SER B 110 -7.80 2.25 22.23
N ALA B 111 -8.76 2.17 21.31
CA ALA B 111 -10.12 1.68 21.62
C ALA B 111 -10.06 0.21 22.09
N ILE B 112 -9.18 -0.58 21.47
CA ILE B 112 -9.04 -2.04 21.76
C ILE B 112 -8.43 -2.23 23.15
N HIS B 113 -7.43 -1.42 23.50
CA HIS B 113 -6.60 -1.57 24.73
C HIS B 113 -7.14 -0.67 25.83
N LYS B 114 -8.17 0.13 25.53
CA LYS B 114 -8.73 1.19 26.39
C LYS B 114 -7.59 2.05 26.97
N ILE B 115 -6.65 2.49 26.13
CA ILE B 115 -5.54 3.39 26.53
C ILE B 115 -5.75 4.74 25.86
N PRO B 116 -5.98 5.82 26.63
CA PRO B 116 -6.38 7.08 26.02
C PRO B 116 -5.19 7.61 25.20
N ILE B 117 -5.52 8.46 24.22
CA ILE B 117 -4.55 9.16 23.34
C ILE B 117 -4.44 10.60 23.85
N ASP B 118 -3.22 11.15 23.87
CA ASP B 118 -2.94 12.56 24.23
C ASP B 118 -3.73 13.48 23.30
N ASN B 119 -4.61 14.30 23.87
CA ASN B 119 -5.47 15.27 23.16
C ASN B 119 -4.67 16.49 22.68
N THR B 120 -3.41 16.68 23.10
CA THR B 120 -2.54 17.83 22.72
C THR B 120 -1.74 17.52 21.44
N VAL B 121 -1.87 16.29 20.90
CA VAL B 121 -1.15 15.80 19.69
C VAL B 121 -2.12 15.74 18.49
N ALA B 122 -1.64 16.19 17.33
CA ALA B 122 -2.23 15.92 16.01
C ALA B 122 -1.22 15.12 15.18
N MET B 123 -1.68 14.38 14.18
CA MET B 123 -0.79 13.53 13.37
C MET B 123 -1.31 13.40 11.93
N THR B 124 -0.37 13.14 11.03
CA THR B 124 -0.64 12.89 9.61
C THR B 124 0.42 11.90 9.15
N GLY B 125 0.03 10.92 8.33
CA GLY B 125 0.95 9.82 7.95
C GLY B 125 0.21 8.71 7.25
N GLU B 126 0.64 8.37 6.04
CA GLU B 126 0.15 7.15 5.34
C GLU B 126 0.81 5.95 6.01
N ILE B 127 0.11 4.85 6.15
CA ILE B 127 0.65 3.64 6.82
C ILE B 127 0.87 2.58 5.74
N SER B 128 2.01 1.91 5.76
CA SER B 128 2.29 0.79 4.83
C SER B 128 1.96 -0.55 5.52
N LEU B 129 1.92 -1.67 4.79
CA LEU B 129 1.52 -2.98 5.41
C LEU B 129 2.59 -3.45 6.42
N ASN B 130 3.81 -2.92 6.34
CA ASN B 130 4.94 -3.27 7.25
C ASN B 130 5.08 -2.18 8.31
N GLY B 131 4.06 -1.36 8.56
CA GLY B 131 4.03 -0.46 9.72
C GLY B 131 4.87 0.79 9.53
N LEU B 132 5.43 1.00 8.35
CA LEU B 132 6.23 2.22 8.08
C LEU B 132 5.27 3.40 7.81
N VAL B 133 5.71 4.59 8.16
CA VAL B 133 4.94 5.85 7.98
C VAL B 133 5.50 6.53 6.75
N LYS B 134 4.65 6.70 5.75
CA LYS B 134 5.02 7.14 4.39
C LYS B 134 4.65 8.62 4.29
N PRO B 135 5.40 9.40 3.46
CA PRO B 135 5.20 10.83 3.33
C PRO B 135 3.81 11.25 2.80
N ILE B 136 3.38 12.43 3.21
CA ILE B 136 2.03 12.94 2.89
C ILE B 136 2.15 14.32 2.24
N GLY B 137 1.02 14.87 1.82
CA GLY B 137 0.96 16.20 1.20
C GLY B 137 0.55 17.24 2.21
N GLY B 138 0.87 18.49 1.93
CA GLY B 138 0.37 19.65 2.70
C GLY B 138 0.91 19.71 4.12
N VAL B 139 2.15 19.30 4.38
CA VAL B 139 2.64 19.13 5.77
C VAL B 139 2.73 20.50 6.46
N ILE B 140 3.07 21.58 5.74
CA ILE B 140 3.15 22.93 6.37
C ILE B 140 1.75 23.42 6.75
N PRO B 141 0.79 23.55 5.80
CA PRO B 141 -0.55 23.95 6.17
C PRO B 141 -1.11 23.06 7.29
N LYS B 142 -0.78 21.77 7.30
CA LYS B 142 -1.26 20.81 8.34
C LYS B 142 -0.66 21.17 9.71
N ILE B 143 0.65 21.39 9.78
CA ILE B 143 1.32 21.85 11.04
C ILE B 143 0.69 23.17 11.53
N LYS B 144 0.49 24.16 10.66
CA LYS B 144 -0.12 25.48 11.02
C LYS B 144 -1.55 25.29 11.51
N ALA B 145 -2.33 24.38 10.92
CA ALA B 145 -3.69 24.05 11.38
C ALA B 145 -3.64 23.45 12.79
N ALA B 146 -2.67 22.59 13.07
CA ALA B 146 -2.54 21.92 14.38
C ALA B 146 -2.23 22.99 15.43
N LYS B 147 -1.21 23.81 15.16
CA LYS B 147 -0.85 24.99 16.01
C LYS B 147 -2.09 25.87 16.18
N GLN B 148 -2.67 26.35 15.07
CA GLN B 148 -3.83 27.28 15.05
C GLN B 148 -4.95 26.71 15.93
N SER B 149 -5.07 25.38 16.03
CA SER B 149 -6.12 24.68 16.81
C SER B 149 -5.73 24.46 18.28
N GLY B 150 -4.52 24.81 18.70
CA GLY B 150 -4.08 24.63 20.10
C GLY B 150 -3.40 23.29 20.40
N ALA B 151 -3.00 22.53 19.37
CA ALA B 151 -2.17 21.32 19.55
C ALA B 151 -0.79 21.73 20.11
N LYS B 152 -0.23 21.03 21.10
CA LYS B 152 1.17 21.26 21.55
C LYS B 152 2.19 20.53 20.65
N LYS B 153 1.79 19.43 20.00
CA LYS B 153 2.67 18.49 19.26
C LYS B 153 2.02 18.13 17.91
N VAL B 154 2.83 17.85 16.89
CA VAL B 154 2.35 17.29 15.60
C VAL B 154 3.34 16.23 15.15
N ILE B 155 2.79 15.04 14.87
CA ILE B 155 3.55 13.86 14.37
C ILE B 155 3.45 13.86 12.85
N ILE B 156 4.61 13.84 12.18
CA ILE B 156 4.76 13.85 10.70
C ILE B 156 5.65 12.69 10.31
N PRO B 157 5.55 12.17 9.06
CA PRO B 157 6.47 11.16 8.55
C PRO B 157 7.94 11.64 8.43
N TYR B 158 8.89 10.77 8.75
CA TYR B 158 10.34 11.09 8.67
C TYR B 158 10.63 11.78 7.34
N GLU B 159 10.16 11.21 6.23
CA GLU B 159 10.50 11.69 4.87
C GLU B 159 9.86 13.07 4.58
N ASN B 160 8.99 13.63 5.43
CA ASN B 160 8.42 14.99 5.23
C ASN B 160 9.25 16.05 5.97
N GLN B 161 10.20 15.63 6.79
CA GLN B 161 11.18 16.53 7.46
C GLN B 161 11.89 17.38 6.39
N GLN B 162 11.89 18.70 6.59
CA GLN B 162 12.68 19.68 5.81
C GLN B 162 13.25 20.71 6.79
N ALA B 163 14.32 21.41 6.39
CA ALA B 163 14.96 22.47 7.17
C ALA B 163 13.93 23.54 7.56
N ILE B 164 13.03 23.93 6.65
CA ILE B 164 12.04 25.04 6.84
C ILE B 164 11.18 24.74 8.07
N LEU B 165 10.85 23.48 8.32
CA LEU B 165 10.03 23.07 9.50
C LEU B 165 10.68 23.60 10.78
N LYS B 166 12.00 23.55 10.86
CA LYS B 166 12.74 23.95 12.10
C LYS B 166 12.44 25.42 12.41
N GLN B 167 12.01 26.20 11.41
CA GLN B 167 11.70 27.65 11.55
C GLN B 167 10.29 27.88 12.14
N ILE B 168 9.50 26.83 12.38
CA ILE B 168 8.13 26.99 12.96
C ILE B 168 8.26 27.00 14.48
N ASP B 169 7.64 28.00 15.12
CA ASP B 169 7.64 28.22 16.59
C ASP B 169 6.33 27.71 17.20
N GLY B 170 6.38 27.35 18.48
CA GLY B 170 5.23 27.14 19.37
C GLY B 170 4.49 25.85 19.11
N ILE B 171 5.14 24.87 18.49
CA ILE B 171 4.58 23.47 18.43
C ILE B 171 5.74 22.49 18.23
N GLU B 172 5.72 21.40 18.99
CA GLU B 172 6.75 20.35 18.88
C GLU B 172 6.43 19.48 17.66
N ILE B 173 7.34 19.43 16.68
CA ILE B 173 7.24 18.59 15.47
C ILE B 173 8.08 17.33 15.68
N ILE B 174 7.41 16.16 15.70
CA ILE B 174 7.99 14.80 15.88
C ILE B 174 7.90 14.05 14.54
N ALA B 175 9.04 13.70 13.96
CA ALA B 175 9.13 12.88 12.74
C ALA B 175 9.20 11.42 13.16
N VAL B 176 8.43 10.55 12.52
CA VAL B 176 8.38 9.09 12.83
C VAL B 176 8.66 8.31 11.54
N LYS B 177 9.28 7.14 11.70
CA LYS B 177 9.50 6.16 10.63
C LYS B 177 8.49 5.03 10.74
N THR B 178 7.95 4.77 11.93
CA THR B 178 7.14 3.56 12.21
C THR B 178 5.92 3.89 13.04
N PHE B 179 4.88 3.06 12.87
CA PHE B 179 3.63 3.16 13.64
C PHE B 179 3.94 2.92 15.13
N GLN B 180 4.91 2.08 15.45
CA GLN B 180 5.26 1.82 16.88
C GLN B 180 5.74 3.12 17.53
N GLU B 181 6.51 3.93 16.80
CA GLU B 181 6.96 5.26 17.29
C GLU B 181 5.77 6.16 17.51
N VAL B 182 4.74 6.09 16.65
CA VAL B 182 3.51 6.90 16.88
C VAL B 182 2.88 6.49 18.22
N LEU B 183 2.71 5.20 18.45
CA LEU B 183 2.08 4.70 19.70
C LEU B 183 2.90 5.16 20.92
N ASP B 184 4.21 5.07 20.83
CA ASP B 184 5.15 5.53 21.89
C ASP B 184 4.86 6.99 22.24
N GLU B 185 4.67 7.85 21.24
CA GLU B 185 4.55 9.31 21.45
C GLU B 185 3.22 9.70 22.11
N ILE B 186 2.13 8.98 21.88
CA ILE B 186 0.76 9.54 22.14
C ILE B 186 -0.01 8.78 23.23
N LEU B 187 0.29 7.50 23.43
CA LEU B 187 -0.48 6.68 24.41
C LEU B 187 -0.14 7.17 25.81
N VAL B 188 -1.14 7.28 26.69
CA VAL B 188 -0.96 7.77 28.09
C VAL B 188 -1.14 6.57 29.03
N ASN B 189 -0.04 6.12 29.66
CA ASN B 189 0.00 4.97 30.60
C ASN B 189 -0.57 3.72 29.91
N1 BO2 C . 0.59 5.16 -12.24
C2 BO2 C . 1.26 4.58 -13.24
C3 BO2 C . 2.58 4.98 -13.48
N4 BO2 C . 3.19 5.92 -12.72
C5 BO2 C . 2.52 6.50 -11.73
C6 BO2 C . 1.19 6.10 -11.50
C7 BO2 C . 0.60 3.52 -14.05
O8 BO2 C . -0.47 2.99 -13.70
N9 BO2 C . 1.22 3.12 -15.14
C10 BO2 C . 0.68 2.05 -15.96
C11 BO2 C . 0.58 2.54 -17.41
C12 BO2 C . -0.06 1.40 -18.20
C13 BO2 C . -1.42 1.13 -18.06
C14 BO2 C . -2.00 0.07 -18.79
C15 BO2 C . -1.22 -0.70 -19.64
C16 BO2 C . 0.13 -0.43 -19.78
C17 BO2 C . 0.71 0.62 -19.06
C18 BO2 C . 1.66 0.91 -15.77
O19 BO2 C . 2.83 1.10 -16.11
N20 BO2 C . 1.21 -0.23 -15.22
C21 BO2 C . 2.07 -1.40 -14.98
C22 BO2 C . 1.33 -2.30 -13.98
C23 BO2 C . 0.95 -1.64 -12.68
C24 BO2 C . -0.07 -2.54 -11.99
C25 BO2 C . 2.21 -1.34 -11.88
B26 BO2 C . 2.24 -2.26 -16.36
O27 BO2 C . 0.96 -2.82 -17.03
O28 BO2 C . 3.06 -1.61 -17.46
NA NA D . 5.29 -3.49 -14.53
N1 BO2 E . -12.00 17.80 2.37
C2 BO2 E . -10.67 17.80 2.69
C3 BO2 E . -10.16 18.83 3.47
N4 BO2 E . -10.99 19.81 3.89
C5 BO2 E . -12.29 19.82 3.55
C6 BO2 E . -12.81 18.79 2.78
C7 BO2 E . -9.79 16.66 2.22
O8 BO2 E . -10.32 15.59 2.00
N9 BO2 E . -8.48 16.83 2.10
C10 BO2 E . -7.62 15.74 1.68
C11 BO2 E . -6.78 16.29 0.53
C12 BO2 E . -6.05 15.12 -0.10
C13 BO2 E . -6.75 14.21 -0.88
C14 BO2 E . -6.07 13.15 -1.46
C15 BO2 E . -4.70 12.99 -1.26
C16 BO2 E . -3.99 13.91 -0.49
C17 BO2 E . -4.67 14.99 0.07
C18 BO2 E . -6.76 15.30 2.83
O19 BO2 E . -5.95 16.10 3.31
N20 BO2 E . -6.89 14.03 3.24
C21 BO2 E . -6.06 13.50 4.33
C22 BO2 E . -6.72 12.20 4.80
C23 BO2 E . -8.18 12.33 5.22
C24 BO2 E . -8.78 10.92 5.33
C25 BO2 E . -8.31 13.14 6.50
B26 BO2 E . -4.53 13.18 3.84
O27 BO2 E . -4.33 12.18 2.69
O28 BO2 E . -3.71 14.42 3.49
NA NA F . -3.79 13.52 7.53
#